data_1Y0O
#
_entry.id   1Y0O
#
_cell.length_a   88.898
_cell.length_b   125.753
_cell.length_c   119.424
_cell.angle_alpha   90.00
_cell.angle_beta   90.00
_cell.angle_gamma   90.00
#
_symmetry.space_group_name_H-M   'C 2 2 21'
#
loop_
_entity.id
_entity.type
_entity.pdbx_description
1 polymer 'FKBP-type peptidyl-prolyl cis-trans isomerase 3'
2 water water
#
_entity_poly.entity_id   1
_entity_poly.type   'polypeptide(L)'
_entity_poly.pdbx_seq_one_letter_code
;ETTSCEFSVSPSGLAFCDKVVGYGPEAVKGQLIKAHYVGKLENGKVFDSSYNRGKPLTFRIGVGEVIKGWDQGILGSDGI
PPMLTGGKRTLRIPPELAYGDRGAGCKGGSCLIPPASVLLFDIEYIGKA
;
_entity_poly.pdbx_strand_id   A,B,C,D,E
#
# COMPACT_ATOMS: atom_id res chain seq x y z
N CYS A 5 -19.06 29.07 -5.96
CA CYS A 5 -18.65 27.93 -5.10
C CYS A 5 -18.92 28.19 -3.62
N GLU A 6 -20.17 28.03 -3.20
CA GLU A 6 -20.50 28.20 -1.80
C GLU A 6 -20.28 26.83 -1.17
N PHE A 7 -19.51 26.82 -0.08
CA PHE A 7 -19.22 25.57 0.59
C PHE A 7 -20.30 25.11 1.54
N SER A 8 -20.30 23.80 1.78
CA SER A 8 -21.20 23.20 2.74
C SER A 8 -20.22 23.00 3.88
N VAL A 9 -20.47 23.62 5.03
CA VAL A 9 -19.54 23.50 6.16
C VAL A 9 -19.93 22.40 7.12
N SER A 10 -19.05 21.42 7.30
CA SER A 10 -19.35 20.32 8.20
C SER A 10 -19.13 20.79 9.62
N PRO A 11 -19.59 20.00 10.62
CA PRO A 11 -19.44 20.33 12.03
C PRO A 11 -18.01 20.64 12.47
N SER A 12 -17.04 20.02 11.80
CA SER A 12 -15.62 20.23 12.15
C SER A 12 -14.99 21.48 11.53
N GLY A 13 -15.69 22.13 10.61
CA GLY A 13 -15.11 23.29 9.95
C GLY A 13 -14.66 22.91 8.55
N LEU A 14 -14.47 21.61 8.33
CA LEU A 14 -14.09 21.11 7.02
C LEU A 14 -15.25 21.42 6.08
N ALA A 15 -14.98 22.17 5.02
CA ALA A 15 -16.04 22.53 4.08
C ALA A 15 -15.76 22.03 2.67
N PHE A 16 -16.82 21.75 1.91
CA PHE A 16 -16.61 21.25 0.57
C PHE A 16 -17.67 21.72 -0.40
N CYS A 17 -17.33 21.58 -1.68
CA CYS A 17 -18.21 21.90 -2.78
C CYS A 17 -17.89 20.91 -3.89
N ASP A 18 -18.87 20.10 -4.29
CA ASP A 18 -18.67 19.15 -5.37
C ASP A 18 -18.91 19.87 -6.69
N LYS A 19 -17.83 20.31 -7.32
CA LYS A 19 -17.94 21.03 -8.57
C LYS A 19 -18.36 20.11 -9.71
N VAL A 20 -17.99 18.84 -9.61
CA VAL A 20 -18.38 17.84 -10.59
C VAL A 20 -18.56 16.56 -9.79
N VAL A 21 -19.77 16.02 -9.77
CA VAL A 21 -20.03 14.79 -9.02
C VAL A 21 -19.48 13.61 -9.83
N GLY A 22 -18.81 12.70 -9.14
CA GLY A 22 -18.22 11.54 -9.78
C GLY A 22 -19.26 10.66 -10.44
N TYR A 23 -18.81 9.86 -11.40
CA TYR A 23 -19.70 8.96 -12.12
C TYR A 23 -19.56 7.54 -11.62
N GLY A 24 -18.48 7.29 -10.87
CA GLY A 24 -18.22 5.96 -10.34
C GLY A 24 -18.52 5.75 -8.86
N PRO A 25 -17.88 4.75 -8.24
CA PRO A 25 -18.00 4.33 -6.84
C PRO A 25 -17.39 5.30 -5.84
N GLU A 26 -17.89 5.28 -4.61
CA GLU A 26 -17.36 6.15 -3.58
C GLU A 26 -16.01 5.60 -3.13
N ALA A 27 -15.19 6.47 -2.55
CA ALA A 27 -13.88 6.04 -2.08
C ALA A 27 -14.06 5.09 -0.90
N VAL A 28 -13.11 4.19 -0.70
CA VAL A 28 -13.16 3.24 0.41
C VAL A 28 -11.87 3.32 1.21
N LYS A 29 -11.99 3.25 2.53
CA LYS A 29 -10.83 3.30 3.42
C LYS A 29 -9.81 2.20 3.13
N GLY A 30 -8.54 2.59 3.15
CA GLY A 30 -7.46 1.66 2.91
C GLY A 30 -7.07 1.48 1.45
N GLN A 31 -7.91 2.00 0.56
CA GLN A 31 -7.67 1.89 -0.88
C GLN A 31 -6.57 2.84 -1.40
N LEU A 32 -5.72 2.31 -2.28
CA LEU A 32 -4.65 3.11 -2.90
C LEU A 32 -5.37 3.81 -4.05
N ILE A 33 -5.35 5.14 -4.05
CA ILE A 33 -6.04 5.88 -5.11
C ILE A 33 -5.15 6.91 -5.79
N LYS A 34 -5.63 7.42 -6.93
CA LYS A 34 -4.91 8.44 -7.69
C LYS A 34 -5.68 9.75 -7.69
N ALA A 35 -4.97 10.84 -7.41
CA ALA A 35 -5.59 12.14 -7.40
C ALA A 35 -4.70 13.22 -7.94
N HIS A 36 -5.29 14.14 -8.69
CA HIS A 36 -4.58 15.29 -9.20
C HIS A 36 -5.12 16.39 -8.29
N TYR A 37 -4.32 17.41 -8.03
CA TYR A 37 -4.78 18.45 -7.14
C TYR A 37 -3.96 19.72 -7.27
N VAL A 38 -4.55 20.81 -6.79
CA VAL A 38 -3.91 22.12 -6.74
C VAL A 38 -4.25 22.61 -5.34
N GLY A 39 -3.22 23.00 -4.59
CA GLY A 39 -3.42 23.49 -3.24
C GLY A 39 -3.05 24.96 -3.20
N LYS A 40 -3.96 25.79 -2.69
CA LYS A 40 -3.74 27.24 -2.58
C LYS A 40 -4.03 27.78 -1.19
N LEU A 41 -3.38 28.89 -0.84
CA LEU A 41 -3.64 29.55 0.43
C LEU A 41 -4.80 30.49 0.10
N GLU A 42 -5.45 31.06 1.11
CA GLU A 42 -6.59 31.94 0.90
C GLU A 42 -6.32 33.23 0.14
N ASN A 43 -5.05 33.51 -0.17
CA ASN A 43 -4.76 34.72 -0.93
C ASN A 43 -4.58 34.34 -2.40
N GLY A 44 -4.79 33.07 -2.70
CA GLY A 44 -4.68 32.60 -4.07
C GLY A 44 -3.33 32.06 -4.46
N LYS A 45 -2.36 32.06 -3.54
CA LYS A 45 -1.03 31.54 -3.86
C LYS A 45 -1.02 30.01 -3.85
N VAL A 46 -0.60 29.42 -4.97
CA VAL A 46 -0.53 27.97 -5.08
C VAL A 46 0.73 27.50 -4.36
N PHE A 47 0.58 26.63 -3.37
CA PHE A 47 1.74 26.13 -2.63
C PHE A 47 2.18 24.73 -3.06
N ASP A 48 1.34 24.05 -3.82
CA ASP A 48 1.67 22.70 -4.29
C ASP A 48 0.63 22.20 -5.25
N SER A 49 1.05 21.35 -6.19
CA SER A 49 0.11 20.78 -7.13
C SER A 49 0.69 19.54 -7.77
N SER A 50 -0.18 18.60 -8.09
CA SER A 50 0.24 17.37 -8.75
C SER A 50 0.86 17.75 -10.08
N TYR A 51 0.23 18.72 -10.75
CA TYR A 51 0.67 19.22 -12.04
C TYR A 51 2.12 19.71 -12.03
N ASN A 52 2.49 20.42 -10.97
CA ASN A 52 3.86 20.94 -10.85
C ASN A 52 4.84 19.78 -10.65
N ARG A 53 4.34 18.73 -10.03
CA ARG A 53 5.15 17.55 -9.75
C ARG A 53 5.14 16.59 -10.94
N GLY A 54 4.39 16.95 -11.99
CA GLY A 54 4.31 16.14 -13.18
C GLY A 54 3.68 14.76 -13.07
N LYS A 55 2.93 14.52 -12.01
CA LYS A 55 2.29 13.22 -11.84
C LYS A 55 1.21 13.28 -10.78
N PRO A 56 0.24 12.36 -10.82
CA PRO A 56 -0.84 12.32 -9.84
C PRO A 56 -0.24 11.88 -8.52
N LEU A 57 -0.94 12.12 -7.43
CA LEU A 57 -0.45 11.67 -6.15
C LEU A 57 -1.13 10.33 -5.92
N THR A 58 -0.39 9.24 -5.82
CA THR A 58 -1.09 7.99 -5.53
C THR A 58 -0.75 7.70 -4.09
N PHE A 59 -1.79 7.47 -3.30
CA PHE A 59 -1.62 7.23 -1.87
C PHE A 59 -2.80 6.43 -1.34
N ARG A 60 -2.66 5.96 -0.11
CA ARG A 60 -3.69 5.17 0.57
C ARG A 60 -4.59 6.15 1.32
N ILE A 61 -5.90 6.11 1.06
CA ILE A 61 -6.83 7.02 1.73
C ILE A 61 -7.36 6.50 3.06
N GLY A 62 -7.65 7.41 3.98
CA GLY A 62 -8.20 7.07 5.27
C GLY A 62 -7.31 6.39 6.30
N VAL A 63 -6.00 6.40 6.09
CA VAL A 63 -5.11 5.73 7.04
C VAL A 63 -4.04 6.65 7.61
N GLY A 64 -4.21 7.97 7.44
CA GLY A 64 -3.25 8.92 7.98
C GLY A 64 -2.02 9.17 7.12
N GLU A 65 -2.10 8.89 5.83
CA GLU A 65 -0.98 9.09 4.92
C GLU A 65 -0.93 10.55 4.46
N VAL A 66 -2.06 11.24 4.60
CA VAL A 66 -2.20 12.64 4.20
C VAL A 66 -2.85 13.40 5.35
N ILE A 67 -2.96 14.72 5.24
CA ILE A 67 -3.59 15.49 6.32
C ILE A 67 -5.01 14.99 6.57
N LYS A 68 -5.49 15.15 7.80
CA LYS A 68 -6.84 14.71 8.17
C LYS A 68 -7.91 15.25 7.25
N GLY A 69 -7.76 16.51 6.83
CA GLY A 69 -8.73 17.14 5.95
C GLY A 69 -8.89 16.39 4.63
N TRP A 70 -7.82 15.74 4.18
CA TRP A 70 -7.91 14.98 2.93
C TRP A 70 -8.64 13.67 3.18
N ASP A 71 -8.27 12.98 4.26
CA ASP A 71 -8.91 11.71 4.59
C ASP A 71 -10.41 11.91 4.79
N GLN A 72 -10.77 12.91 5.57
CA GLN A 72 -12.16 13.20 5.84
C GLN A 72 -12.86 13.82 4.64
N GLY A 73 -12.17 14.70 3.93
CA GLY A 73 -12.74 15.37 2.78
C GLY A 73 -12.91 14.51 1.54
N ILE A 74 -12.23 13.37 1.48
CA ILE A 74 -12.34 12.46 0.33
C ILE A 74 -13.17 11.22 0.71
N LEU A 75 -12.91 10.65 1.89
CA LEU A 75 -13.67 9.48 2.32
C LEU A 75 -15.01 9.91 2.92
N GLY A 76 -15.08 11.12 3.43
CA GLY A 76 -16.31 11.60 4.03
C GLY A 76 -16.20 11.52 5.53
N SER A 77 -17.11 12.20 6.21
CA SER A 77 -17.14 12.25 7.66
C SER A 77 -18.50 12.84 8.03
N ASP A 78 -18.72 13.07 9.33
CA ASP A 78 -19.98 13.67 9.75
C ASP A 78 -20.17 14.95 8.93
N GLY A 79 -21.29 15.07 8.23
CA GLY A 79 -21.52 16.27 7.44
C GLY A 79 -20.81 16.30 6.10
N ILE A 80 -20.03 15.28 5.78
CA ILE A 80 -19.32 15.25 4.50
C ILE A 80 -19.47 13.93 3.76
N PRO A 81 -20.16 13.93 2.62
CA PRO A 81 -20.37 12.73 1.80
C PRO A 81 -19.06 12.35 1.12
N PRO A 82 -18.85 11.07 0.81
CA PRO A 82 -17.61 10.70 0.13
C PRO A 82 -17.55 11.21 -1.31
N MET A 83 -16.33 11.35 -1.83
CA MET A 83 -16.16 11.75 -3.21
C MET A 83 -16.40 10.47 -4.00
N LEU A 84 -16.82 10.62 -5.25
CA LEU A 84 -17.05 9.46 -6.09
C LEU A 84 -16.00 9.46 -7.18
N THR A 85 -15.66 8.27 -7.66
CA THR A 85 -14.67 8.14 -8.73
C THR A 85 -14.96 9.09 -9.89
N GLY A 86 -13.96 9.88 -10.27
CA GLY A 86 -14.15 10.80 -11.39
C GLY A 86 -14.72 12.15 -10.99
N GLY A 87 -14.78 12.41 -9.69
CA GLY A 87 -15.32 13.68 -9.25
C GLY A 87 -14.28 14.77 -9.08
N LYS A 88 -14.76 16.00 -9.03
CA LYS A 88 -13.90 17.16 -8.81
C LYS A 88 -14.49 17.85 -7.61
N ARG A 89 -13.68 18.05 -6.58
CA ARG A 89 -14.19 18.66 -5.37
C ARG A 89 -13.26 19.72 -4.82
N THR A 90 -13.83 20.80 -4.30
CA THR A 90 -13.02 21.84 -3.69
C THR A 90 -13.21 21.68 -2.19
N LEU A 91 -12.10 21.69 -1.46
CA LEU A 91 -12.13 21.54 -0.01
C LEU A 91 -11.53 22.77 0.65
N ARG A 92 -12.14 23.16 1.76
CA ARG A 92 -11.65 24.28 2.57
C ARG A 92 -11.29 23.59 3.87
N ILE A 93 -10.02 23.59 4.20
CA ILE A 93 -9.55 22.88 5.38
C ILE A 93 -8.96 23.77 6.46
N PRO A 94 -9.58 23.79 7.66
CA PRO A 94 -9.08 24.61 8.77
C PRO A 94 -7.72 24.02 9.19
N PRO A 95 -6.84 24.85 9.75
CA PRO A 95 -5.51 24.44 10.20
C PRO A 95 -5.49 23.18 11.06
N GLU A 96 -6.46 23.07 11.95
CA GLU A 96 -6.52 21.90 12.84
C GLU A 96 -6.61 20.56 12.10
N LEU A 97 -7.09 20.59 10.86
CA LEU A 97 -7.20 19.39 10.05
C LEU A 97 -6.15 19.40 8.93
N ALA A 98 -5.16 20.28 9.08
CA ALA A 98 -4.11 20.40 8.08
C ALA A 98 -2.75 20.42 8.79
N TYR A 99 -2.03 21.53 8.74
CA TYR A 99 -0.71 21.61 9.38
C TYR A 99 -0.67 22.41 10.67
N GLY A 100 -1.84 22.79 11.18
CA GLY A 100 -1.90 23.50 12.44
C GLY A 100 -1.01 24.72 12.67
N ASP A 101 -0.53 24.87 13.90
CA ASP A 101 0.33 26.00 14.25
C ASP A 101 1.78 25.84 13.78
N ARG A 102 2.14 24.64 13.35
CA ARG A 102 3.49 24.35 12.87
C ARG A 102 3.72 24.87 11.47
N GLY A 103 2.75 24.63 10.58
CA GLY A 103 2.89 25.05 9.19
C GLY A 103 3.63 23.96 8.45
N ALA A 104 3.97 24.18 7.19
CA ALA A 104 4.69 23.17 6.44
C ALA A 104 5.61 23.81 5.41
N GLY A 105 6.64 23.06 5.02
CA GLY A 105 7.62 23.55 4.06
C GLY A 105 8.34 24.74 4.67
N CYS A 106 8.84 24.53 5.88
CA CYS A 106 9.51 25.57 6.63
C CYS A 106 11.02 25.68 6.46
N LYS A 107 11.50 26.91 6.63
CA LYS A 107 12.89 27.26 6.60
C LYS A 107 12.92 28.17 7.82
N GLY A 108 13.31 27.59 8.95
CA GLY A 108 13.31 28.36 10.18
C GLY A 108 11.85 28.63 10.46
N GLY A 109 11.52 29.87 10.81
CA GLY A 109 10.13 30.19 11.08
C GLY A 109 9.34 30.60 9.85
N SER A 110 9.98 30.59 8.67
CA SER A 110 9.29 30.99 7.45
C SER A 110 8.85 29.73 6.69
N CYS A 111 7.55 29.59 6.48
CA CYS A 111 7.01 28.40 5.82
C CYS A 111 6.20 28.64 4.56
N LEU A 112 6.32 27.73 3.60
CA LEU A 112 5.56 27.84 2.36
C LEU A 112 4.08 27.88 2.79
N ILE A 113 3.75 27.09 3.80
CA ILE A 113 2.40 27.07 4.35
C ILE A 113 2.52 27.65 5.76
N PRO A 114 2.16 28.93 5.93
CA PRO A 114 2.24 29.58 7.24
C PRO A 114 1.48 28.86 8.33
N PRO A 115 1.89 29.09 9.59
CA PRO A 115 1.20 28.48 10.72
C PRO A 115 -0.26 28.95 10.67
N ALA A 116 -1.16 28.12 11.16
CA ALA A 116 -2.58 28.44 11.23
C ALA A 116 -3.21 28.76 9.88
N SER A 117 -2.71 28.14 8.81
CA SER A 117 -3.25 28.40 7.48
C SER A 117 -4.48 27.56 7.10
N VAL A 118 -5.49 28.23 6.57
CA VAL A 118 -6.66 27.50 6.09
C VAL A 118 -6.20 27.09 4.68
N LEU A 119 -6.42 25.84 4.30
CA LEU A 119 -5.98 25.38 2.98
C LEU A 119 -7.13 25.13 2.01
N LEU A 120 -6.94 25.50 0.75
CA LEU A 120 -7.94 25.28 -0.27
C LEU A 120 -7.36 24.29 -1.26
N PHE A 121 -8.09 23.21 -1.54
CA PHE A 121 -7.62 22.22 -2.49
C PHE A 121 -8.72 21.95 -3.52
N ASP A 122 -8.29 21.78 -4.77
CA ASP A 122 -9.19 21.42 -5.84
C ASP A 122 -8.70 20.01 -6.10
N ILE A 123 -9.54 19.03 -5.77
CA ILE A 123 -9.15 17.64 -5.93
C ILE A 123 -9.88 16.88 -7.04
N GLU A 124 -9.11 16.18 -7.86
CA GLU A 124 -9.68 15.38 -8.93
C GLU A 124 -9.40 13.94 -8.57
N TYR A 125 -10.43 13.26 -8.07
CA TYR A 125 -10.35 11.86 -7.69
C TYR A 125 -10.45 11.06 -8.98
N ILE A 126 -9.30 10.63 -9.50
CA ILE A 126 -9.26 9.88 -10.75
C ILE A 126 -9.78 8.46 -10.60
N GLY A 127 -9.46 7.83 -9.48
CA GLY A 127 -9.90 6.47 -9.23
C GLY A 127 -8.86 5.68 -8.48
N LYS A 128 -9.04 4.37 -8.37
CA LYS A 128 -8.07 3.56 -7.66
C LYS A 128 -6.78 3.45 -8.45
N ALA A 129 -5.68 3.19 -7.75
CA ALA A 129 -4.37 3.05 -8.37
C ALA A 129 -4.22 1.73 -9.11
N CYS B 5 29.76 4.76 17.61
CA CYS B 5 30.96 3.88 17.75
C CYS B 5 32.18 4.71 18.13
N GLU B 6 32.80 4.31 19.23
CA GLU B 6 33.99 4.95 19.80
C GLU B 6 35.12 5.26 18.82
N PHE B 7 36.31 4.83 19.22
CA PHE B 7 37.58 4.95 18.50
C PHE B 7 38.32 6.29 18.46
N SER B 8 38.30 7.00 17.34
CA SER B 8 39.04 8.26 17.28
C SER B 8 38.30 9.45 17.88
N VAL B 9 38.83 9.96 18.98
CA VAL B 9 38.21 11.07 19.70
C VAL B 9 38.88 12.42 19.47
N SER B 10 38.13 13.35 18.91
CA SER B 10 38.64 14.69 18.63
C SER B 10 38.70 15.52 19.90
N PRO B 11 39.43 16.66 19.85
CA PRO B 11 39.56 17.56 20.99
C PRO B 11 38.24 18.04 21.62
N SER B 12 37.13 17.87 20.91
CA SER B 12 35.83 18.31 21.44
C SER B 12 34.98 17.17 21.96
N GLY B 13 35.48 15.94 21.83
CA GLY B 13 34.72 14.80 22.30
C GLY B 13 33.99 14.12 21.17
N LEU B 14 33.86 14.80 20.04
CA LEU B 14 33.19 14.17 18.90
C LEU B 14 34.15 13.05 18.49
N ALA B 15 33.64 11.83 18.38
CA ALA B 15 34.47 10.69 17.99
C ALA B 15 33.93 10.01 16.75
N PHE B 16 34.81 9.36 16.00
CA PHE B 16 34.40 8.71 14.77
C PHE B 16 35.26 7.48 14.45
N CYS B 17 34.79 6.73 13.47
CA CYS B 17 35.49 5.55 12.99
C CYS B 17 34.96 5.34 11.58
N ASP B 18 35.85 5.39 10.60
CA ASP B 18 35.43 5.17 9.22
C ASP B 18 35.35 3.67 8.94
N LYS B 19 34.14 3.11 8.95
CA LYS B 19 34.00 1.70 8.67
C LYS B 19 34.35 1.44 7.21
N VAL B 20 33.96 2.34 6.32
CA VAL B 20 34.28 2.23 4.91
C VAL B 20 34.62 3.62 4.41
N VAL B 21 35.85 3.80 3.93
CA VAL B 21 36.30 5.09 3.42
C VAL B 21 35.65 5.28 2.06
N GLY B 22 35.16 6.49 1.82
CA GLY B 22 34.51 6.79 0.56
C GLY B 22 35.44 6.67 -0.63
N TYR B 23 34.86 6.65 -1.82
CA TYR B 23 35.62 6.54 -3.06
C TYR B 23 35.57 7.85 -3.83
N GLY B 24 34.72 8.77 -3.36
CA GLY B 24 34.59 10.04 -4.04
C GLY B 24 35.19 11.24 -3.34
N PRO B 25 34.76 12.45 -3.72
CA PRO B 25 35.24 13.72 -3.16
C PRO B 25 34.70 14.07 -1.78
N GLU B 26 35.35 15.07 -1.19
CA GLU B 26 34.99 15.61 0.10
C GLU B 26 33.63 16.30 -0.03
N ALA B 27 32.89 16.39 1.07
CA ALA B 27 31.62 17.10 1.01
C ALA B 27 32.05 18.57 1.06
N VAL B 28 31.25 19.46 0.47
CA VAL B 28 31.58 20.88 0.52
C VAL B 28 30.47 21.70 1.16
N LYS B 29 30.86 22.49 2.15
CA LYS B 29 29.94 23.36 2.88
C LYS B 29 28.88 24.00 2.00
N GLY B 30 27.64 23.98 2.46
CA GLY B 30 26.54 24.60 1.71
C GLY B 30 25.93 23.75 0.60
N GLN B 31 26.58 22.64 0.28
CA GLN B 31 26.10 21.76 -0.77
C GLN B 31 24.91 20.95 -0.29
N LEU B 32 24.02 20.60 -1.22
CA LEU B 32 22.86 19.79 -0.89
C LEU B 32 23.34 18.34 -1.04
N ILE B 33 23.31 17.56 0.04
CA ILE B 33 23.78 16.17 -0.04
C ILE B 33 22.72 15.16 0.40
N LYS B 34 23.04 13.89 0.20
CA LYS B 34 22.15 12.77 0.55
C LYS B 34 22.83 11.83 1.50
N ALA B 35 22.12 11.38 2.52
CA ALA B 35 22.67 10.43 3.47
C ALA B 35 21.62 9.55 4.08
N HIS B 36 21.98 8.28 4.27
CA HIS B 36 21.10 7.35 4.95
C HIS B 36 21.74 7.27 6.31
N TYR B 37 21.00 6.84 7.31
CA TYR B 37 21.57 6.79 8.66
C TYR B 37 20.69 6.03 9.63
N VAL B 38 21.30 5.67 10.75
CA VAL B 38 20.61 5.01 11.83
C VAL B 38 21.20 5.63 13.09
N GLY B 39 20.34 6.15 13.95
CA GLY B 39 20.81 6.76 15.19
C GLY B 39 20.35 5.96 16.38
N LYS B 40 21.26 5.68 17.31
CA LYS B 40 20.89 4.93 18.49
C LYS B 40 21.51 5.49 19.77
N LEU B 41 20.96 5.08 20.90
CA LEU B 41 21.45 5.50 22.20
C LEU B 41 22.48 4.46 22.65
N GLU B 42 23.19 4.76 23.72
CA GLU B 42 24.21 3.86 24.25
C GLU B 42 23.63 2.56 24.81
N ASN B 43 22.31 2.48 24.94
CA ASN B 43 21.67 1.28 25.44
C ASN B 43 21.22 0.41 24.28
N GLY B 44 21.48 0.88 23.06
CA GLY B 44 21.12 0.12 21.88
C GLY B 44 19.81 0.49 21.22
N LYS B 45 19.01 1.31 21.88
CA LYS B 45 17.71 1.71 21.34
C LYS B 45 17.79 2.64 20.13
N VAL B 46 17.26 2.19 19.00
CA VAL B 46 17.26 3.00 17.78
C VAL B 46 16.18 4.08 17.91
N PHE B 47 16.57 5.35 17.87
CA PHE B 47 15.60 6.41 18.02
C PHE B 47 15.17 7.06 16.69
N ASP B 48 15.82 6.66 15.60
CA ASP B 48 15.50 7.21 14.28
C ASP B 48 16.41 6.59 13.22
N SER B 49 15.94 6.63 11.98
CA SER B 49 16.71 6.09 10.87
C SER B 49 16.08 6.55 9.56
N SER B 50 16.91 6.72 8.54
CA SER B 50 16.38 7.13 7.26
C SER B 50 15.50 5.99 6.74
N TYR B 51 15.85 4.76 7.05
CA TYR B 51 15.07 3.62 6.59
C TYR B 51 13.67 3.61 7.18
N ASN B 52 13.56 3.99 8.45
CA ASN B 52 12.25 4.04 9.11
C ASN B 52 11.36 5.05 8.36
N ARG B 53 11.99 6.10 7.84
CA ARG B 53 11.27 7.15 7.11
C ARG B 53 11.12 6.83 5.63
N GLY B 54 11.70 5.71 5.20
CA GLY B 54 11.61 5.31 3.80
C GLY B 54 12.35 6.16 2.79
N LYS B 55 13.25 7.03 3.24
CA LYS B 55 14.00 7.87 2.30
C LYS B 55 15.28 8.42 2.91
N PRO B 56 16.28 8.74 2.08
CA PRO B 56 17.52 9.30 2.64
C PRO B 56 17.20 10.73 3.05
N LEU B 57 18.04 11.31 3.89
CA LEU B 57 17.85 12.69 4.28
C LEU B 57 18.58 13.52 3.24
N THR B 58 17.87 14.44 2.60
CA THR B 58 18.49 15.32 1.62
C THR B 58 18.59 16.64 2.36
N PHE B 59 19.80 17.15 2.51
CA PHE B 59 20.01 18.37 3.26
C PHE B 59 21.30 19.12 2.94
N ARG B 60 21.36 20.36 3.42
CA ARG B 60 22.51 21.25 3.23
C ARG B 60 23.50 20.98 4.36
N ILE B 61 24.74 20.71 4.00
CA ILE B 61 25.79 20.35 4.96
C ILE B 61 26.66 21.51 5.41
N GLY B 62 27.02 21.49 6.70
CA GLY B 62 27.89 22.51 7.28
C GLY B 62 27.28 23.88 7.50
N VAL B 63 25.95 23.96 7.51
CA VAL B 63 25.30 25.25 7.69
C VAL B 63 24.29 25.27 8.83
N GLY B 64 24.46 24.36 9.79
CA GLY B 64 23.58 24.32 10.94
C GLY B 64 22.16 23.84 10.77
N GLU B 65 21.91 22.96 9.80
CA GLU B 65 20.56 22.47 9.62
C GLU B 65 20.34 21.06 10.12
N VAL B 66 21.35 20.55 10.80
CA VAL B 66 21.33 19.24 11.44
C VAL B 66 22.16 19.51 12.69
N ILE B 67 22.18 18.60 13.65
CA ILE B 67 22.95 18.85 14.86
C ILE B 67 24.44 19.10 14.56
N LYS B 68 25.10 19.84 15.44
CA LYS B 68 26.51 20.18 15.27
C LYS B 68 27.39 18.97 15.02
N GLY B 69 27.12 17.87 15.74
CA GLY B 69 27.89 16.65 15.58
C GLY B 69 27.88 16.13 14.16
N TRP B 70 26.78 16.35 13.44
CA TRP B 70 26.67 15.90 12.05
C TRP B 70 27.48 16.79 11.14
N ASP B 71 27.33 18.11 11.29
CA ASP B 71 28.07 19.03 10.45
C ASP B 71 29.57 18.81 10.59
N GLN B 72 30.06 18.74 11.83
CA GLN B 72 31.49 18.52 12.07
C GLN B 72 31.92 17.09 11.76
N GLY B 73 31.01 16.15 12.00
CA GLY B 73 31.31 14.76 11.76
C GLY B 73 31.33 14.34 10.30
N ILE B 74 30.76 15.18 9.43
CA ILE B 74 30.73 14.85 8.00
C ILE B 74 31.67 15.76 7.22
N LEU B 75 31.62 17.05 7.50
CA LEU B 75 32.45 18.00 6.79
C LEU B 75 33.85 18.03 7.40
N GLY B 76 33.94 17.61 8.65
CA GLY B 76 35.21 17.61 9.34
C GLY B 76 35.42 18.85 10.21
N SER B 77 36.43 18.79 11.05
CA SER B 77 36.81 19.89 11.95
C SER B 77 38.13 19.50 12.61
N ASP B 78 38.54 20.25 13.63
CA ASP B 78 39.80 19.92 14.31
C ASP B 78 39.77 18.50 14.85
N GLY B 79 40.72 17.68 14.40
CA GLY B 79 40.78 16.31 14.86
C GLY B 79 39.83 15.39 14.12
N ILE B 80 39.08 15.94 13.17
CA ILE B 80 38.16 15.11 12.41
C ILE B 80 38.26 15.32 10.91
N PRO B 81 38.67 14.26 10.19
CA PRO B 81 38.81 14.34 8.72
C PRO B 81 37.41 14.34 8.11
N PRO B 82 37.25 14.98 6.94
CA PRO B 82 35.93 15.00 6.31
C PRO B 82 35.59 13.60 5.82
N MET B 83 34.31 13.32 5.64
CA MET B 83 33.89 12.04 5.08
C MET B 83 34.02 12.23 3.57
N LEU B 84 34.13 11.14 2.84
CA LEU B 84 34.19 11.20 1.40
C LEU B 84 32.94 10.54 0.82
N THR B 85 32.51 11.00 -0.35
CA THR B 85 31.35 10.43 -1.02
C THR B 85 31.46 8.90 -1.05
N GLY B 86 30.39 8.23 -0.64
CA GLY B 86 30.37 6.77 -0.64
C GLY B 86 30.87 6.15 0.64
N GLY B 87 31.32 6.96 1.59
CA GLY B 87 31.82 6.42 2.83
C GLY B 87 30.74 6.11 3.87
N LYS B 88 31.11 5.29 4.84
CA LYS B 88 30.22 4.92 5.93
C LYS B 88 31.03 5.23 7.18
N ARG B 89 30.47 6.08 8.04
CA ARG B 89 31.16 6.48 9.25
C ARG B 89 30.27 6.37 10.48
N THR B 90 30.83 5.93 11.59
CA THR B 90 30.05 5.89 12.82
C THR B 90 30.51 7.08 13.62
N LEU B 91 29.56 7.84 14.16
CA LEU B 91 29.86 9.00 14.97
C LEU B 91 29.35 8.77 16.39
N ARG B 92 30.13 9.20 17.37
CA ARG B 92 29.76 9.13 18.80
C ARG B 92 29.71 10.60 19.14
N ILE B 93 28.51 11.10 19.40
CA ILE B 93 28.34 12.53 19.65
C ILE B 93 27.96 12.93 21.06
N PRO B 94 28.76 13.79 21.70
CA PRO B 94 28.47 14.26 23.06
C PRO B 94 27.21 15.12 23.00
N PRO B 95 26.44 15.18 24.10
CA PRO B 95 25.20 15.96 24.21
C PRO B 95 25.36 17.39 23.69
N GLU B 96 26.47 18.02 24.07
CA GLU B 96 26.75 19.40 23.67
C GLU B 96 26.81 19.63 22.16
N LEU B 97 26.96 18.57 21.39
CA LEU B 97 27.00 18.69 19.94
C LEU B 97 25.78 17.99 19.33
N ALA B 98 24.81 17.68 20.19
CA ALA B 98 23.58 17.04 19.74
C ALA B 98 22.37 17.81 20.27
N TYR B 99 21.66 17.25 21.24
CA TYR B 99 20.47 17.93 21.77
C TYR B 99 20.64 18.54 23.16
N GLY B 100 21.85 18.49 23.68
CA GLY B 100 22.15 19.08 24.99
C GLY B 100 21.51 18.46 26.20
N ASP B 101 21.27 19.31 27.21
CA ASP B 101 20.66 18.86 28.46
C ASP B 101 19.15 18.75 28.33
N ARG B 102 18.65 18.96 27.12
CA ARG B 102 17.22 18.89 26.84
C ARG B 102 16.89 17.60 26.09
N GLY B 103 15.81 16.95 26.51
CA GLY B 103 15.41 15.72 25.83
C GLY B 103 15.00 16.04 24.41
N ALA B 104 14.69 15.01 23.63
CA ALA B 104 14.28 15.21 22.25
C ALA B 104 13.37 14.05 21.83
N GLY B 105 12.49 14.31 20.88
CA GLY B 105 11.58 13.28 20.45
C GLY B 105 10.54 13.02 21.51
N CYS B 106 10.17 14.08 22.22
CA CYS B 106 9.17 14.02 23.27
C CYS B 106 7.82 14.13 22.57
N LYS B 107 6.91 13.21 22.88
CA LYS B 107 5.61 13.20 22.24
C LYS B 107 4.57 12.49 23.10
N GLY B 108 4.37 12.97 24.32
CA GLY B 108 3.39 12.36 25.19
C GLY B 108 3.91 12.02 26.56
N GLY B 109 4.74 12.90 27.11
CA GLY B 109 5.30 12.66 28.43
C GLY B 109 6.53 11.78 28.42
N SER B 110 6.93 11.31 27.25
CA SER B 110 8.10 10.45 27.13
C SER B 110 9.00 10.92 25.99
N CYS B 111 10.31 10.76 26.16
CA CYS B 111 11.28 11.19 25.15
C CYS B 111 12.05 10.04 24.49
N LEU B 112 12.22 10.12 23.18
CA LEU B 112 12.99 9.12 22.44
C LEU B 112 14.44 9.31 22.86
N ILE B 113 14.83 10.58 22.99
CA ILE B 113 16.19 10.91 23.38
C ILE B 113 16.21 11.64 24.72
N PRO B 114 16.63 10.94 25.79
CA PRO B 114 16.72 11.49 27.14
C PRO B 114 17.68 12.65 27.21
N PRO B 115 17.48 13.57 28.18
CA PRO B 115 18.39 14.71 28.31
C PRO B 115 19.83 14.25 28.49
N ALA B 116 20.76 15.06 27.98
CA ALA B 116 22.20 14.80 28.09
C ALA B 116 22.66 13.44 27.55
N SER B 117 22.05 13.01 26.44
CA SER B 117 22.40 11.73 25.84
C SER B 117 23.49 11.81 24.78
N VAL B 118 24.40 10.84 24.79
CA VAL B 118 25.43 10.74 23.77
C VAL B 118 24.70 10.01 22.63
N LEU B 119 24.88 10.45 21.39
CA LEU B 119 24.20 9.78 20.28
C LEU B 119 25.18 9.02 19.41
N LEU B 120 24.76 7.86 18.94
CA LEU B 120 25.56 7.01 18.09
C LEU B 120 24.90 6.95 16.73
N PHE B 121 25.61 7.38 15.68
CA PHE B 121 25.08 7.35 14.33
C PHE B 121 25.94 6.58 13.35
N ASP B 122 25.29 5.82 12.49
CA ASP B 122 26.00 5.14 11.41
C ASP B 122 25.51 5.95 10.20
N ILE B 123 26.41 6.71 9.61
CA ILE B 123 26.08 7.57 8.50
C ILE B 123 26.61 7.10 7.16
N GLU B 124 25.72 7.01 6.17
CA GLU B 124 26.13 6.60 4.84
C GLU B 124 26.00 7.83 3.97
N TYR B 125 27.14 8.42 3.62
CA TYR B 125 27.20 9.61 2.80
C TYR B 125 27.11 9.16 1.35
N ILE B 126 25.92 9.26 0.77
CA ILE B 126 25.68 8.84 -0.60
C ILE B 126 26.35 9.71 -1.66
N GLY B 127 26.24 11.03 -1.48
CA GLY B 127 26.83 11.94 -2.44
C GLY B 127 26.00 13.19 -2.65
N LYS B 128 26.27 13.93 -3.71
CA LYS B 128 25.52 15.14 -4.03
C LYS B 128 24.05 14.83 -4.26
N ALA B 129 23.21 15.83 -4.00
CA ALA B 129 21.75 15.77 -4.20
C ALA B 129 20.95 15.55 -2.91
N CYS C 5 -8.62 -35.14 4.43
CA CYS C 5 -8.28 -34.77 5.83
C CYS C 5 -9.33 -33.83 6.41
N GLU C 6 -10.52 -34.35 6.70
CA GLU C 6 -11.55 -33.49 7.24
C GLU C 6 -11.46 -33.33 8.75
N PHE C 7 -10.92 -32.19 9.15
CA PHE C 7 -10.73 -31.86 10.56
C PHE C 7 -12.04 -31.53 11.27
N SER C 8 -12.01 -31.66 12.58
CA SER C 8 -13.13 -31.30 13.43
C SER C 8 -12.52 -30.05 14.08
N VAL C 9 -13.14 -28.89 13.90
CA VAL C 9 -12.57 -27.65 14.44
C VAL C 9 -13.17 -27.23 15.77
N SER C 10 -12.30 -27.15 16.78
CA SER C 10 -12.72 -26.77 18.13
C SER C 10 -12.99 -25.27 18.21
N PRO C 11 -13.65 -24.83 19.29
CA PRO C 11 -13.95 -23.41 19.46
C PRO C 11 -12.75 -22.46 19.34
N SER C 12 -11.56 -22.97 19.66
CA SER C 12 -10.34 -22.16 19.61
C SER C 12 -9.62 -22.12 18.27
N GLY C 13 -10.07 -22.92 17.32
CA GLY C 13 -9.39 -22.97 16.04
C GLY C 13 -8.49 -24.20 15.96
N LEU C 14 -8.17 -24.78 17.10
CA LEU C 14 -7.34 -25.97 17.09
C LEU C 14 -8.20 -27.05 16.42
N ALA C 15 -7.68 -27.65 15.36
CA ALA C 15 -8.45 -28.66 14.62
C ALA C 15 -7.76 -30.01 14.67
N PHE C 16 -8.54 -31.08 14.60
CA PHE C 16 -7.97 -32.43 14.67
C PHE C 16 -8.73 -33.47 13.86
N CYS C 17 -8.04 -34.56 13.57
CA CYS C 17 -8.60 -35.68 12.84
C CYS C 17 -7.99 -36.98 13.41
N ASP C 18 -8.82 -37.83 14.00
CA ASP C 18 -8.28 -39.09 14.53
C ASP C 18 -8.18 -40.07 13.37
N LYS C 19 -6.96 -40.28 12.87
CA LYS C 19 -6.71 -41.21 11.78
C LYS C 19 -6.87 -42.63 12.26
N VAL C 20 -6.46 -42.86 13.50
CA VAL C 20 -6.58 -44.18 14.14
C VAL C 20 -6.87 -43.93 15.61
N VAL C 21 -7.98 -44.48 16.09
CA VAL C 21 -8.33 -44.29 17.50
C VAL C 21 -7.52 -45.27 18.32
N GLY C 22 -6.99 -44.78 19.44
CA GLY C 22 -6.20 -45.60 20.33
C GLY C 22 -6.95 -46.79 20.88
N TYR C 23 -6.20 -47.76 21.40
CA TYR C 23 -6.81 -48.95 21.95
C TYR C 23 -6.73 -48.92 23.47
N GLY C 24 -6.03 -47.92 24.01
CA GLY C 24 -5.87 -47.81 25.47
C GLY C 24 -6.62 -46.68 26.16
N PRO C 25 -6.22 -46.29 27.38
CA PRO C 25 -6.82 -45.23 28.19
C PRO C 25 -6.55 -43.82 27.67
N GLU C 26 -7.38 -42.87 28.07
CA GLU C 26 -7.18 -41.50 27.64
C GLU C 26 -6.00 -40.93 28.42
N ALA C 27 -5.37 -39.92 27.85
CA ALA C 27 -4.26 -39.25 28.50
C ALA C 27 -4.81 -38.51 29.72
N VAL C 28 -3.99 -38.38 30.75
CA VAL C 28 -4.37 -37.68 31.98
C VAL C 28 -3.42 -36.51 32.21
N LYS C 29 -3.95 -35.43 32.76
CA LYS C 29 -3.13 -34.26 33.02
C LYS C 29 -2.03 -34.62 34.02
N GLY C 30 -0.80 -34.23 33.69
CA GLY C 30 0.32 -34.52 34.58
C GLY C 30 1.16 -35.73 34.22
N GLN C 31 0.66 -36.60 33.35
CA GLN C 31 1.42 -37.79 32.98
C GLN C 31 2.45 -37.50 31.89
N LEU C 32 3.37 -38.43 31.72
CA LEU C 32 4.38 -38.35 30.67
C LEU C 32 3.78 -38.98 29.43
N ILE C 33 4.00 -38.35 28.28
CA ILE C 33 3.50 -38.88 27.01
C ILE C 33 4.71 -39.20 26.14
N LYS C 34 4.77 -40.42 25.63
CA LYS C 34 5.84 -40.81 24.71
C LYS C 34 5.17 -40.71 23.34
N ALA C 35 5.68 -39.85 22.47
CA ALA C 35 5.08 -39.66 21.16
C ALA C 35 6.03 -39.54 19.99
N HIS C 36 5.65 -40.13 18.85
CA HIS C 36 6.41 -40.00 17.63
C HIS C 36 5.63 -38.92 16.87
N TYR C 37 6.30 -38.16 16.04
CA TYR C 37 5.61 -37.09 15.35
C TYR C 37 6.32 -36.53 14.14
N VAL C 38 5.55 -35.85 13.30
CA VAL C 38 6.07 -35.16 12.13
C VAL C 38 5.38 -33.80 12.13
N GLY C 39 6.16 -32.73 12.02
CA GLY C 39 5.58 -31.40 12.00
C GLY C 39 5.87 -30.71 10.68
N LYS C 40 4.87 -30.04 10.11
CA LYS C 40 5.10 -29.36 8.84
C LYS C 40 4.27 -28.10 8.67
N LEU C 41 4.77 -27.22 7.82
CA LEU C 41 4.09 -25.97 7.50
C LEU C 41 3.05 -26.26 6.41
N GLU C 42 2.14 -25.32 6.19
CA GLU C 42 1.11 -25.49 5.18
C GLU C 42 1.60 -25.54 3.73
N ASN C 43 2.88 -25.24 3.50
CA ASN C 43 3.39 -25.30 2.14
C ASN C 43 3.97 -26.69 1.86
N GLY C 44 3.81 -27.58 2.81
CA GLY C 44 4.30 -28.95 2.65
C GLY C 44 5.76 -29.14 3.06
N LYS C 45 6.33 -28.16 3.73
CA LYS C 45 7.72 -28.25 4.17
C LYS C 45 7.79 -28.87 5.58
N VAL C 46 8.34 -30.07 5.69
CA VAL C 46 8.46 -30.71 7.00
C VAL C 46 9.60 -30.06 7.77
N PHE C 47 9.30 -29.51 8.95
CA PHE C 47 10.35 -28.85 9.72
C PHE C 47 10.93 -29.69 10.86
N ASP C 48 10.21 -30.71 11.31
CA ASP C 48 10.71 -31.56 12.39
C ASP C 48 10.03 -32.93 12.34
N SER C 49 10.74 -33.96 12.76
CA SER C 49 10.19 -35.30 12.72
C SER C 49 10.91 -36.07 13.78
N SER C 50 10.22 -36.89 14.57
CA SER C 50 10.86 -37.70 15.61
C SER C 50 11.53 -38.90 14.94
N TYR C 51 11.24 -39.10 13.66
CA TYR C 51 11.81 -40.20 12.93
C TYR C 51 13.20 -39.75 12.43
N ASN C 52 13.50 -38.48 12.66
CA ASN C 52 14.80 -37.88 12.30
C ASN C 52 15.71 -37.87 13.56
N ARG C 53 15.09 -37.79 14.75
CA ARG C 53 15.73 -37.85 16.08
C ARG C 53 15.41 -39.31 16.05
N GLY C 54 16.38 -40.16 16.31
CA GLY C 54 16.02 -41.56 16.27
C GLY C 54 15.28 -41.90 17.53
N LYS C 55 14.37 -41.04 18.00
CA LYS C 55 13.65 -41.35 19.23
C LYS C 55 12.35 -40.58 19.40
N PRO C 56 11.39 -41.17 20.14
CA PRO C 56 10.13 -40.44 20.33
C PRO C 56 10.45 -39.32 21.31
N LEU C 57 9.55 -38.36 21.39
CA LEU C 57 9.69 -37.27 22.34
C LEU C 57 8.84 -37.64 23.54
N THR C 58 9.43 -37.62 24.73
CA THR C 58 8.69 -37.93 25.96
C THR C 58 8.56 -36.60 26.70
N PHE C 59 7.34 -36.25 27.09
CA PHE C 59 7.11 -34.97 27.74
C PHE C 59 5.90 -35.04 28.64
N ARG C 60 5.80 -34.07 29.56
CA ARG C 60 4.71 -33.93 30.51
C ARG C 60 3.55 -33.21 29.85
N ILE C 61 2.37 -33.82 29.87
CA ILE C 61 1.22 -33.22 29.22
C ILE C 61 0.31 -32.42 30.15
N GLY C 62 -0.18 -31.29 29.64
CA GLY C 62 -1.10 -30.46 30.41
C GLY C 62 -0.48 -29.52 31.43
N VAL C 63 0.81 -29.27 31.31
CA VAL C 63 1.48 -28.38 32.27
C VAL C 63 2.30 -27.27 31.62
N GLY C 64 2.04 -27.03 30.34
CA GLY C 64 2.74 -25.97 29.63
C GLY C 64 4.17 -26.27 29.21
N GLU C 65 4.52 -27.55 29.08
CA GLU C 65 5.88 -27.92 28.66
C GLU C 65 6.04 -27.90 27.14
N VAL C 66 4.91 -27.99 26.43
CA VAL C 66 4.94 -27.95 24.97
C VAL C 66 4.04 -26.82 24.53
N ILE C 67 4.01 -26.53 23.22
CA ILE C 67 3.13 -25.46 22.75
C ILE C 67 1.70 -25.82 23.14
N LYS C 68 0.85 -24.81 23.33
CA LYS C 68 -0.53 -25.03 23.75
C LYS C 68 -1.37 -25.96 22.86
N GLY C 69 -1.08 -25.95 21.57
CA GLY C 69 -1.80 -26.80 20.63
C GLY C 69 -1.60 -28.28 20.92
N TRP C 70 -0.41 -28.63 21.43
CA TRP C 70 -0.14 -30.02 21.78
C TRP C 70 -0.88 -30.39 23.07
N ASP C 71 -0.82 -29.51 24.06
CA ASP C 71 -1.48 -29.75 25.33
C ASP C 71 -2.97 -29.94 25.08
N GLN C 72 -3.59 -28.96 24.41
CA GLN C 72 -5.01 -29.04 24.13
C GLN C 72 -5.33 -30.11 23.10
N GLY C 73 -4.45 -30.30 22.13
CA GLY C 73 -4.68 -31.27 21.08
C GLY C 73 -4.47 -32.73 21.45
N ILE C 74 -3.76 -32.99 22.54
CA ILE C 74 -3.52 -34.36 22.94
C ILE C 74 -4.29 -34.72 24.20
N LEU C 75 -4.32 -33.79 25.15
CA LEU C 75 -5.04 -34.01 26.39
C LEU C 75 -6.52 -33.76 26.18
N GLY C 76 -6.83 -32.84 25.27
CA GLY C 76 -8.20 -32.49 24.99
C GLY C 76 -8.54 -31.16 25.65
N SER C 77 -9.70 -30.62 25.31
CA SER C 77 -10.19 -29.35 25.86
C SER C 77 -11.58 -29.16 25.27
N ASP C 78 -12.14 -27.96 25.34
CA ASP C 78 -13.47 -27.74 24.78
C ASP C 78 -13.49 -28.09 23.29
N GLY C 79 -14.37 -29.02 22.91
CA GLY C 79 -14.50 -29.41 21.52
C GLY C 79 -13.42 -30.38 21.06
N ILE C 80 -12.55 -30.80 21.97
CA ILE C 80 -11.50 -31.75 21.57
C ILE C 80 -11.39 -32.92 22.53
N PRO C 81 -11.71 -34.13 22.05
CA PRO C 81 -11.62 -35.33 22.90
C PRO C 81 -10.13 -35.64 23.12
N PRO C 82 -9.79 -36.29 24.23
CA PRO C 82 -8.39 -36.64 24.52
C PRO C 82 -7.96 -37.77 23.58
N MET C 83 -6.67 -37.83 23.29
CA MET C 83 -6.14 -38.91 22.46
C MET C 83 -6.08 -40.11 23.40
N LEU C 84 -6.13 -41.30 22.84
CA LEU C 84 -6.04 -42.50 23.65
C LEU C 84 -4.73 -43.20 23.29
N THR C 85 -4.22 -44.00 24.21
CA THR C 85 -2.99 -44.72 23.97
C THR C 85 -3.06 -45.54 22.69
N GLY C 86 -2.03 -45.41 21.85
CA GLY C 86 -1.97 -46.15 20.60
C GLY C 86 -2.64 -45.42 19.45
N GLY C 87 -3.10 -44.20 19.69
CA GLY C 87 -3.76 -43.46 18.63
C GLY C 87 -2.86 -42.63 17.73
N LYS C 88 -3.40 -42.31 16.54
CA LYS C 88 -2.72 -41.48 15.56
C LYS C 88 -3.67 -40.34 15.24
N ARG C 89 -3.23 -39.12 15.55
CA ARG C 89 -4.04 -37.93 15.32
C ARG C 89 -3.30 -36.85 14.56
N THR C 90 -4.02 -36.19 13.66
CA THR C 90 -3.45 -35.09 12.92
C THR C 90 -4.01 -33.82 13.53
N LEU C 91 -3.13 -32.85 13.80
CA LEU C 91 -3.54 -31.58 14.37
C LEU C 91 -3.22 -30.43 13.43
N ARG C 92 -4.11 -29.44 13.41
CA ARG C 92 -3.91 -28.21 12.63
C ARG C 92 -3.91 -27.16 13.75
N ILE C 93 -2.75 -26.55 13.99
CA ILE C 93 -2.61 -25.58 15.08
C ILE C 93 -2.43 -24.13 14.64
N PRO C 94 -3.36 -23.24 15.04
CA PRO C 94 -3.25 -21.83 14.67
C PRO C 94 -2.04 -21.24 15.40
N PRO C 95 -1.43 -20.21 14.82
CA PRO C 95 -0.25 -19.56 15.41
C PRO C 95 -0.43 -19.15 16.87
N GLU C 96 -1.63 -18.71 17.23
CA GLU C 96 -1.95 -18.29 18.59
C GLU C 96 -1.73 -19.42 19.60
N LEU C 97 -1.80 -20.66 19.13
CA LEU C 97 -1.61 -21.82 20.00
C LEU C 97 -0.32 -22.55 19.69
N ALA C 98 0.56 -21.88 18.94
CA ALA C 98 1.85 -22.45 18.58
C ALA C 98 2.96 -21.45 18.91
N TYR C 99 3.59 -20.87 17.89
CA TYR C 99 4.69 -19.91 18.11
C TYR C 99 4.34 -18.43 17.88
N GLY C 100 3.07 -18.15 17.58
CA GLY C 100 2.61 -16.78 17.38
C GLY C 100 3.33 -15.96 16.34
N ASP C 101 3.50 -14.67 16.61
CA ASP C 101 4.19 -13.77 15.69
C ASP C 101 5.70 -13.88 15.74
N ARG C 102 6.23 -14.56 16.76
CA ARG C 102 7.67 -14.73 16.87
C ARG C 102 8.24 -15.78 15.94
N GLY C 103 7.47 -16.84 15.73
CA GLY C 103 7.97 -17.92 14.89
C GLY C 103 8.96 -18.68 15.75
N ALA C 104 9.73 -19.58 15.15
CA ALA C 104 10.69 -20.34 15.93
C ALA C 104 11.88 -20.79 15.11
N GLY C 105 12.79 -21.53 15.75
CA GLY C 105 13.98 -22.01 15.07
C GLY C 105 14.75 -20.81 14.55
N CYS C 106 15.08 -19.91 15.46
CA CYS C 106 15.80 -18.68 15.11
C CYS C 106 17.24 -18.65 15.62
N LYS C 107 17.60 -19.59 16.48
CA LYS C 107 18.94 -19.67 17.06
C LYS C 107 20.04 -19.36 16.04
N GLY C 108 19.84 -19.80 14.80
CA GLY C 108 20.84 -19.60 13.76
C GLY C 108 20.90 -18.30 12.99
N GLY C 109 20.11 -17.31 13.37
CA GLY C 109 20.13 -16.05 12.66
C GLY C 109 18.83 -15.77 11.94
N SER C 110 18.31 -16.78 11.25
CA SER C 110 17.04 -16.65 10.54
C SER C 110 16.06 -17.66 11.11
N CYS C 111 14.76 -17.46 10.88
CA CYS C 111 13.73 -18.35 11.42
C CYS C 111 13.35 -19.55 10.56
N LEU C 112 13.19 -20.69 11.22
CA LEU C 112 12.80 -21.94 10.54
C LEU C 112 11.29 -21.93 10.33
N ILE C 113 10.55 -21.48 11.33
CA ILE C 113 9.11 -21.40 11.27
C ILE C 113 8.74 -19.93 11.25
N PRO C 114 8.21 -19.45 10.11
CA PRO C 114 7.83 -18.05 9.96
C PRO C 114 6.79 -17.59 10.96
N PRO C 115 6.75 -16.27 11.22
CA PRO C 115 5.78 -15.71 12.16
C PRO C 115 4.38 -16.06 11.65
N ALA C 116 3.42 -16.13 12.56
CA ALA C 116 2.03 -16.42 12.22
C ALA C 116 1.81 -17.72 11.45
N SER C 117 2.68 -18.71 11.63
CA SER C 117 2.55 -19.98 10.94
C SER C 117 1.56 -20.97 11.54
N VAL C 118 0.70 -21.54 10.70
CA VAL C 118 -0.23 -22.58 11.15
C VAL C 118 0.61 -23.85 11.08
N LEU C 119 0.59 -24.67 12.12
CA LEU C 119 1.40 -25.89 12.11
C LEU C 119 0.55 -27.16 11.98
N LEU C 120 1.07 -28.12 11.20
CA LEU C 120 0.41 -29.40 11.01
C LEU C 120 1.28 -30.48 11.66
N PHE C 121 0.67 -31.31 12.48
CA PHE C 121 1.40 -32.39 13.11
C PHE C 121 0.68 -33.71 13.00
N ASP C 122 1.44 -34.78 12.77
CA ASP C 122 0.86 -36.12 12.76
C ASP C 122 1.45 -36.62 14.07
N ILE C 123 0.60 -36.97 15.01
CA ILE C 123 1.06 -37.43 16.30
C ILE C 123 0.71 -38.89 16.61
N GLU C 124 1.73 -39.67 16.98
CA GLU C 124 1.55 -41.08 17.35
C GLU C 124 1.74 -41.15 18.86
N TYR C 125 0.65 -41.34 19.58
CA TYR C 125 0.68 -41.43 21.03
C TYR C 125 1.02 -42.87 21.37
N ILE C 126 2.29 -43.12 21.68
CA ILE C 126 2.73 -44.49 21.97
C ILE C 126 2.23 -44.97 23.31
N GLY C 127 2.17 -44.04 24.25
CA GLY C 127 1.70 -44.38 25.58
C GLY C 127 2.64 -43.92 26.68
N LYS C 128 2.85 -44.82 27.63
CA LYS C 128 3.70 -44.70 28.82
C LYS C 128 2.85 -44.69 30.07
N ALA C 129 1.72 -43.99 30.02
CA ALA C 129 0.80 -43.93 31.16
C ALA C 129 1.54 -43.58 32.45
N CYS D 5 -20.79 27.08 -15.89
CA CYS D 5 -21.98 26.69 -16.68
C CYS D 5 -22.47 25.30 -16.30
N GLU D 6 -21.70 24.63 -15.46
CA GLU D 6 -22.01 23.28 -14.98
C GLU D 6 -22.11 22.21 -16.06
N PHE D 7 -21.43 21.09 -15.82
CA PHE D 7 -21.40 19.97 -16.75
C PHE D 7 -22.51 18.96 -16.61
N SER D 8 -22.88 18.35 -17.73
CA SER D 8 -23.86 17.28 -17.75
C SER D 8 -22.94 16.07 -17.85
N VAL D 9 -22.95 15.24 -16.82
CA VAL D 9 -22.08 14.07 -16.76
C VAL D 9 -22.77 12.81 -17.28
N SER D 10 -22.26 12.28 -18.38
CA SER D 10 -22.81 11.09 -18.99
C SER D 10 -22.36 9.84 -18.24
N PRO D 11 -23.04 8.71 -18.48
CA PRO D 11 -22.70 7.45 -17.83
C PRO D 11 -21.21 7.14 -17.83
N SER D 12 -20.56 7.37 -18.97
CA SER D 12 -19.13 7.08 -19.10
C SER D 12 -18.21 7.96 -18.28
N GLY D 13 -18.69 9.13 -17.89
CA GLY D 13 -17.85 10.04 -17.13
C GLY D 13 -17.48 11.21 -18.02
N LEU D 14 -17.75 11.06 -19.32
CA LEU D 14 -17.48 12.14 -20.25
C LEU D 14 -18.55 13.18 -19.94
N ALA D 15 -18.13 14.41 -19.65
CA ALA D 15 -19.09 15.46 -19.33
C ALA D 15 -19.05 16.58 -20.38
N PHE D 16 -20.20 17.21 -20.60
CA PHE D 16 -20.25 18.28 -21.58
C PHE D 16 -21.14 19.43 -21.15
N CYS D 17 -20.96 20.55 -21.84
CA CYS D 17 -21.71 21.77 -21.62
C CYS D 17 -21.77 22.51 -22.95
N ASP D 18 -22.96 22.61 -23.54
CA ASP D 18 -23.11 23.33 -24.79
C ASP D 18 -23.18 24.83 -24.50
N LYS D 19 -22.06 25.52 -24.69
CA LYS D 19 -21.99 26.97 -24.44
C LYS D 19 -22.86 27.69 -25.44
N VAL D 20 -22.84 27.19 -26.67
CA VAL D 20 -23.63 27.77 -27.74
C VAL D 20 -24.08 26.60 -28.60
N VAL D 21 -25.40 26.42 -28.67
CA VAL D 21 -25.98 25.36 -29.49
C VAL D 21 -25.83 25.74 -30.95
N GLY D 22 -25.41 24.78 -31.78
CA GLY D 22 -25.22 25.06 -33.18
C GLY D 22 -26.50 25.46 -33.92
N TYR D 23 -26.35 25.96 -35.14
CA TYR D 23 -27.50 26.37 -35.95
C TYR D 23 -27.72 25.43 -37.13
N GLY D 24 -26.76 24.54 -37.35
CA GLY D 24 -26.86 23.62 -38.46
C GLY D 24 -27.16 22.18 -38.10
N PRO D 25 -26.84 21.23 -38.99
CA PRO D 25 -27.05 19.79 -38.82
C PRO D 25 -26.17 19.19 -37.75
N GLU D 26 -26.54 18.00 -37.30
CA GLU D 26 -25.75 17.30 -36.29
C GLU D 26 -24.60 16.62 -37.03
N ALA D 27 -23.52 16.33 -36.31
CA ALA D 27 -22.38 15.67 -36.94
C ALA D 27 -22.73 14.22 -37.26
N VAL D 28 -22.18 13.71 -38.36
CA VAL D 28 -22.44 12.34 -38.77
C VAL D 28 -21.15 11.54 -38.80
N LYS D 29 -21.24 10.29 -38.36
CA LYS D 29 -20.10 9.38 -38.30
C LYS D 29 -19.42 9.18 -39.66
N GLY D 30 -18.10 9.10 -39.63
CA GLY D 30 -17.32 8.87 -40.84
C GLY D 30 -17.18 10.08 -41.73
N GLN D 31 -17.83 11.18 -41.39
CA GLN D 31 -17.78 12.40 -42.17
C GLN D 31 -16.56 13.26 -41.85
N LEU D 32 -15.93 13.81 -42.89
CA LEU D 32 -14.75 14.66 -42.72
C LEU D 32 -15.24 16.02 -42.23
N ILE D 33 -14.76 16.45 -41.07
CA ILE D 33 -15.18 17.71 -40.50
C ILE D 33 -14.02 18.62 -40.11
N LYS D 34 -14.36 19.86 -39.75
CA LYS D 34 -13.39 20.85 -39.32
C LYS D 34 -13.79 21.27 -37.91
N ALA D 35 -12.82 21.68 -37.12
CA ALA D 35 -13.10 22.14 -35.77
C ALA D 35 -11.94 22.91 -35.17
N HIS D 36 -12.27 23.98 -34.47
CA HIS D 36 -11.26 24.77 -33.78
C HIS D 36 -11.34 24.27 -32.34
N TYR D 37 -10.28 24.45 -31.58
CA TYR D 37 -10.30 23.98 -30.20
C TYR D 37 -9.17 24.51 -29.35
N VAL D 38 -9.39 24.41 -28.03
CA VAL D 38 -8.43 24.80 -27.03
C VAL D 38 -8.50 23.69 -26.01
N GLY D 39 -7.35 23.12 -25.69
CA GLY D 39 -7.27 22.03 -24.72
C GLY D 39 -6.56 22.56 -23.50
N LYS D 40 -7.08 22.24 -22.32
CA LYS D 40 -6.51 22.76 -21.10
C LYS D 40 -6.56 21.76 -19.92
N LEU D 41 -5.55 21.80 -19.06
CA LEU D 41 -5.52 20.95 -17.87
C LEU D 41 -6.39 21.70 -16.87
N GLU D 42 -6.86 21.06 -15.81
CA GLU D 42 -7.71 21.81 -14.88
C GLU D 42 -6.95 22.74 -13.95
N ASN D 43 -5.66 22.93 -14.19
CA ASN D 43 -4.92 23.87 -13.38
C ASN D 43 -4.84 25.13 -14.24
N GLY D 44 -5.49 25.08 -15.40
CA GLY D 44 -5.51 26.20 -16.31
C GLY D 44 -4.50 26.19 -17.44
N LYS D 45 -3.48 25.35 -17.35
CA LYS D 45 -2.45 25.32 -18.39
C LYS D 45 -2.97 24.84 -19.74
N VAL D 46 -2.77 25.64 -20.78
CA VAL D 46 -3.20 25.27 -22.13
C VAL D 46 -2.11 24.38 -22.72
N PHE D 47 -2.47 23.20 -23.20
CA PHE D 47 -1.47 22.30 -23.77
C PHE D 47 -1.52 22.22 -25.29
N ASP D 48 -2.60 22.71 -25.88
CA ASP D 48 -2.74 22.69 -27.33
C ASP D 48 -3.96 23.48 -27.78
N SER D 49 -3.92 23.99 -29.01
CA SER D 49 -5.04 24.74 -29.54
C SER D 49 -4.89 24.92 -31.03
N SER D 50 -6.00 24.82 -31.75
CA SER D 50 -5.98 24.96 -33.20
C SER D 50 -5.49 26.37 -33.56
N TYR D 51 -5.68 27.31 -32.64
CA TYR D 51 -5.26 28.70 -32.86
C TYR D 51 -3.75 28.84 -32.81
N ASN D 52 -3.11 28.05 -31.96
CA ASN D 52 -1.66 28.10 -31.85
C ASN D 52 -1.04 27.40 -33.06
N ARG D 53 -1.83 26.53 -33.69
CA ARG D 53 -1.38 25.78 -34.87
C ARG D 53 -1.64 26.56 -36.16
N GLY D 54 -2.47 27.59 -36.06
CA GLY D 54 -2.79 28.41 -37.22
C GLY D 54 -3.90 27.91 -38.12
N LYS D 55 -4.55 26.80 -37.76
CA LYS D 55 -5.64 26.29 -38.61
C LYS D 55 -6.55 25.31 -37.88
N PRO D 56 -7.79 25.16 -38.35
CA PRO D 56 -8.71 24.23 -37.70
C PRO D 56 -8.19 22.84 -37.96
N LEU D 57 -8.61 21.89 -37.13
CA LEU D 57 -8.22 20.52 -37.30
C LEU D 57 -9.24 19.87 -38.21
N THR D 58 -8.77 19.27 -39.31
CA THR D 58 -9.66 18.57 -40.23
C THR D 58 -9.44 17.08 -39.99
N PHE D 59 -10.51 16.33 -39.79
CA PHE D 59 -10.40 14.91 -39.50
C PHE D 59 -11.73 14.21 -39.71
N ARG D 60 -11.68 12.88 -39.79
CA ARG D 60 -12.87 12.06 -39.97
C ARG D 60 -13.39 11.78 -38.56
N ILE D 61 -14.65 12.13 -38.30
CA ILE D 61 -15.24 11.94 -36.98
C ILE D 61 -15.82 10.56 -36.72
N GLY D 62 -15.58 10.06 -35.51
CA GLY D 62 -16.10 8.76 -35.11
C GLY D 62 -15.37 7.53 -35.61
N VAL D 63 -14.14 7.69 -36.07
CA VAL D 63 -13.37 6.54 -36.58
C VAL D 63 -12.09 6.26 -35.81
N GLY D 64 -11.79 7.05 -34.79
CA GLY D 64 -10.59 6.81 -34.02
C GLY D 64 -9.36 7.61 -34.42
N GLU D 65 -9.56 8.72 -35.12
CA GLU D 65 -8.44 9.57 -35.51
C GLU D 65 -8.08 10.51 -34.36
N VAL D 66 -9.04 10.74 -33.47
CA VAL D 66 -8.86 11.59 -32.30
C VAL D 66 -9.17 10.76 -31.06
N ILE D 67 -8.84 11.28 -29.87
CA ILE D 67 -9.09 10.55 -28.64
C ILE D 67 -10.57 10.19 -28.51
N LYS D 68 -10.85 9.11 -27.80
CA LYS D 68 -12.23 8.63 -27.61
C LYS D 68 -13.20 9.71 -27.12
N GLY D 69 -12.73 10.56 -26.20
CA GLY D 69 -13.58 11.62 -25.68
C GLY D 69 -14.02 12.64 -26.72
N TRP D 70 -13.25 12.76 -27.80
CA TRP D 70 -13.63 13.68 -28.86
C TRP D 70 -14.70 13.01 -29.71
N ASP D 71 -14.47 11.76 -30.10
CA ASP D 71 -15.44 11.03 -30.91
C ASP D 71 -16.82 10.99 -30.25
N GLN D 72 -16.86 10.57 -28.99
CA GLN D 72 -18.11 10.53 -28.24
C GLN D 72 -18.64 11.92 -27.97
N GLY D 73 -17.74 12.82 -27.57
CA GLY D 73 -18.13 14.18 -27.25
C GLY D 73 -18.67 15.02 -28.39
N ILE D 74 -18.33 14.66 -29.62
CA ILE D 74 -18.80 15.41 -30.79
C ILE D 74 -19.95 14.71 -31.49
N LEU D 75 -19.79 13.41 -31.71
CA LEU D 75 -20.81 12.62 -32.38
C LEU D 75 -21.91 12.25 -31.40
N GLY D 76 -21.56 12.23 -30.12
CA GLY D 76 -22.52 11.90 -29.09
C GLY D 76 -22.54 10.42 -28.77
N SER D 77 -23.22 10.07 -27.69
CA SER D 77 -23.35 8.69 -27.27
C SER D 77 -24.39 8.67 -26.16
N ASP D 78 -24.43 7.60 -25.38
CA ASP D 78 -25.40 7.51 -24.29
C ASP D 78 -25.22 8.67 -23.33
N GLY D 79 -26.27 9.47 -23.18
CA GLY D 79 -26.21 10.61 -22.29
C GLY D 79 -25.55 11.83 -22.92
N ILE D 80 -25.16 11.73 -24.19
CA ILE D 80 -24.52 12.84 -24.87
C ILE D 80 -25.12 13.11 -26.25
N PRO D 81 -25.79 14.26 -26.42
CA PRO D 81 -26.39 14.58 -27.73
C PRO D 81 -25.26 14.97 -28.67
N PRO D 82 -25.49 14.86 -29.98
CA PRO D 82 -24.43 15.22 -30.93
C PRO D 82 -24.31 16.74 -30.94
N MET D 83 -23.16 17.23 -31.41
CA MET D 83 -22.97 18.67 -31.53
C MET D 83 -23.62 19.04 -32.85
N LEU D 84 -24.00 20.30 -33.00
CA LEU D 84 -24.60 20.75 -34.25
C LEU D 84 -23.63 21.72 -34.91
N THR D 85 -23.61 21.73 -36.24
CA THR D 85 -22.73 22.62 -36.97
C THR D 85 -22.85 24.04 -36.45
N GLY D 86 -21.72 24.64 -36.10
CA GLY D 86 -21.73 26.01 -35.59
C GLY D 86 -21.79 26.05 -34.08
N GLY D 87 -21.78 24.89 -33.45
CA GLY D 87 -21.84 24.87 -32.01
C GLY D 87 -20.50 24.97 -31.31
N LYS D 88 -20.55 25.41 -30.05
CA LYS D 88 -19.37 25.52 -29.20
C LYS D 88 -19.72 24.66 -27.99
N ARG D 89 -18.89 23.65 -27.74
CA ARG D 89 -19.12 22.74 -26.62
C ARG D 89 -17.87 22.52 -25.78
N THR D 90 -18.04 22.56 -24.46
CA THR D 90 -16.95 22.32 -23.56
C THR D 90 -17.05 20.86 -23.14
N LEU D 91 -15.92 20.14 -23.21
CA LEU D 91 -15.87 18.74 -22.82
C LEU D 91 -14.94 18.57 -21.64
N ARG D 92 -15.31 17.70 -20.71
CA ARG D 92 -14.47 17.36 -19.56
C ARG D 92 -14.22 15.87 -19.80
N ILE D 93 -12.98 15.54 -20.15
CA ILE D 93 -12.64 14.17 -20.48
C ILE D 93 -11.76 13.40 -19.49
N PRO D 94 -12.30 12.29 -18.94
CA PRO D 94 -11.57 11.44 -17.98
C PRO D 94 -10.37 10.85 -18.70
N PRO D 95 -9.30 10.50 -17.96
CA PRO D 95 -8.09 9.91 -18.55
C PRO D 95 -8.43 8.71 -19.43
N GLU D 96 -9.35 7.87 -18.95
CA GLU D 96 -9.78 6.68 -19.68
C GLU D 96 -10.08 6.98 -21.14
N LEU D 97 -10.78 8.09 -21.37
CA LEU D 97 -11.18 8.48 -22.70
C LEU D 97 -10.24 9.49 -23.35
N ALA D 98 -9.03 9.59 -22.82
CA ALA D 98 -8.05 10.53 -23.35
C ALA D 98 -6.71 9.83 -23.54
N TYR D 99 -5.72 10.22 -22.74
CA TYR D 99 -4.40 9.62 -22.84
C TYR D 99 -4.05 8.63 -21.74
N GLY D 100 -5.04 8.27 -20.94
CA GLY D 100 -4.86 7.29 -19.88
C GLY D 100 -3.75 7.51 -18.87
N ASP D 101 -3.25 6.39 -18.33
CA ASP D 101 -2.19 6.41 -17.32
C ASP D 101 -0.88 6.86 -17.92
N ARG D 102 -0.85 6.98 -19.24
CA ARG D 102 0.34 7.40 -19.92
C ARG D 102 0.33 8.91 -20.12
N GLY D 103 1.47 9.56 -19.95
CA GLY D 103 1.51 10.99 -20.16
C GLY D 103 1.27 11.28 -21.62
N ALA D 104 1.38 12.55 -21.98
CA ALA D 104 1.20 12.96 -23.37
C ALA D 104 2.11 14.16 -23.60
N GLY D 105 2.57 14.32 -24.83
CA GLY D 105 3.46 15.42 -25.13
C GLY D 105 4.68 15.40 -24.23
N CYS D 106 5.29 14.22 -24.09
CA CYS D 106 6.46 14.06 -23.24
C CYS D 106 7.76 14.33 -24.00
N LYS D 107 8.81 14.62 -23.25
CA LYS D 107 10.10 14.90 -23.84
C LYS D 107 11.19 15.02 -22.78
N GLY D 108 12.04 14.00 -22.71
CA GLY D 108 13.12 14.00 -21.74
C GLY D 108 12.69 14.13 -20.29
N GLY D 109 11.69 13.34 -19.89
CA GLY D 109 11.23 13.38 -18.52
C GLY D 109 10.07 14.35 -18.29
N SER D 110 9.96 15.36 -19.14
CA SER D 110 8.90 16.35 -19.01
C SER D 110 7.73 16.02 -19.92
N CYS D 111 6.52 16.06 -19.35
CA CYS D 111 5.31 15.78 -20.11
C CYS D 111 4.41 17.00 -20.13
N LEU D 112 3.80 17.27 -21.29
CA LEU D 112 2.89 18.40 -21.45
C LEU D 112 1.60 18.06 -20.71
N ILE D 113 1.21 16.79 -20.78
CA ILE D 113 0.02 16.30 -20.10
C ILE D 113 0.46 15.16 -19.18
N PRO D 114 0.40 15.37 -17.86
CA PRO D 114 0.82 14.30 -16.95
C PRO D 114 -0.08 13.09 -17.01
N PRO D 115 0.42 11.94 -16.55
CA PRO D 115 -0.39 10.73 -16.55
C PRO D 115 -1.72 10.92 -15.81
N ALA D 116 -2.74 10.23 -16.28
CA ALA D 116 -4.05 10.27 -15.65
C ALA D 116 -4.64 11.67 -15.54
N SER D 117 -4.45 12.50 -16.56
CA SER D 117 -4.99 13.86 -16.54
C SER D 117 -6.39 13.94 -17.14
N VAL D 118 -7.25 14.71 -16.48
CA VAL D 118 -8.59 14.96 -16.98
C VAL D 118 -8.35 16.11 -17.95
N LEU D 119 -8.89 16.03 -19.15
CA LEU D 119 -8.68 17.11 -20.11
C LEU D 119 -9.94 17.94 -20.33
N LEU D 120 -9.74 19.25 -20.44
CA LEU D 120 -10.84 20.18 -20.69
C LEU D 120 -10.63 20.75 -22.09
N PHE D 121 -11.65 20.61 -22.93
CA PHE D 121 -11.59 21.14 -24.28
C PHE D 121 -12.76 22.06 -24.58
N ASP D 122 -12.48 23.15 -25.27
CA ASP D 122 -13.52 24.06 -25.75
C ASP D 122 -13.46 23.75 -27.24
N ILE D 123 -14.51 23.10 -27.74
CA ILE D 123 -14.57 22.71 -29.14
C ILE D 123 -15.57 23.49 -29.99
N GLU D 124 -15.09 23.99 -31.13
CA GLU D 124 -15.90 24.74 -32.07
C GLU D 124 -16.08 23.87 -33.31
N TYR D 125 -17.25 23.25 -33.43
CA TYR D 125 -17.54 22.41 -34.58
C TYR D 125 -17.91 23.35 -35.72
N ILE D 126 -16.98 23.53 -36.65
CA ILE D 126 -17.22 24.42 -37.79
C ILE D 126 -18.21 23.85 -38.79
N GLY D 127 -18.10 22.55 -39.04
CA GLY D 127 -19.00 21.91 -39.99
C GLY D 127 -18.23 20.96 -40.91
N LYS D 128 -18.85 20.53 -41.99
CA LYS D 128 -18.21 19.61 -42.93
C LYS D 128 -17.01 20.34 -43.55
N ALA D 129 -15.91 19.62 -43.74
CA ALA D 129 -14.70 20.20 -44.30
C ALA D 129 -14.63 20.24 -45.82
N CYS E 5 -11.86 -31.39 -7.09
CA CYS E 5 -11.64 -31.14 -5.64
C CYS E 5 -12.96 -30.57 -5.14
N GLU E 6 -13.88 -30.48 -6.09
CA GLU E 6 -15.21 -29.95 -5.88
C GLU E 6 -15.20 -28.50 -5.50
N PHE E 7 -14.93 -27.66 -6.49
CA PHE E 7 -14.93 -26.23 -6.29
C PHE E 7 -16.37 -25.80 -6.47
N SER E 8 -16.77 -24.78 -5.71
CA SER E 8 -18.09 -24.23 -5.88
C SER E 8 -17.75 -23.07 -6.82
N VAL E 9 -18.37 -23.04 -8.00
CA VAL E 9 -18.07 -22.00 -8.98
C VAL E 9 -19.08 -20.85 -8.95
N SER E 10 -18.59 -19.65 -8.68
CA SER E 10 -19.43 -18.46 -8.62
C SER E 10 -19.77 -17.98 -10.03
N PRO E 11 -20.75 -17.07 -10.13
CA PRO E 11 -21.16 -16.54 -11.44
C PRO E 11 -20.01 -16.03 -12.32
N SER E 12 -19.00 -15.44 -11.71
CA SER E 12 -17.87 -14.87 -12.42
C SER E 12 -16.77 -15.87 -12.79
N GLY E 13 -16.89 -17.10 -12.33
CA GLY E 13 -15.86 -18.07 -12.64
C GLY E 13 -14.91 -18.28 -11.49
N LEU E 14 -14.92 -17.37 -10.52
CA LEU E 14 -14.06 -17.52 -9.35
C LEU E 14 -14.60 -18.74 -8.61
N ALA E 15 -13.74 -19.73 -8.40
CA ALA E 15 -14.16 -20.95 -7.70
C ALA E 15 -13.41 -21.11 -6.39
N PHE E 16 -14.04 -21.80 -5.44
CA PHE E 16 -13.41 -21.99 -4.14
C PHE E 16 -13.81 -23.28 -3.47
N CYS E 17 -13.00 -23.65 -2.48
CA CYS E 17 -13.26 -24.81 -1.67
C CYS E 17 -12.76 -24.50 -0.27
N ASP E 18 -13.65 -24.51 0.72
CA ASP E 18 -13.21 -24.26 2.09
C ASP E 18 -12.69 -25.57 2.67
N LYS E 19 -11.37 -25.70 2.74
CA LYS E 19 -10.75 -26.91 3.27
C LYS E 19 -10.98 -26.94 4.77
N VAL E 20 -10.88 -25.77 5.40
CA VAL E 20 -11.11 -25.65 6.82
C VAL E 20 -11.87 -24.35 7.05
N VAL E 21 -13.08 -24.46 7.60
CA VAL E 21 -13.87 -23.25 7.87
C VAL E 21 -13.25 -22.54 9.08
N GLY E 22 -13.18 -21.23 9.01
CA GLY E 22 -12.59 -20.47 10.10
C GLY E 22 -13.38 -20.58 11.39
N TYR E 23 -12.75 -20.20 12.49
CA TYR E 23 -13.38 -20.26 13.80
C TYR E 23 -13.74 -18.86 14.29
N GLY E 24 -13.24 -17.85 13.59
CA GLY E 24 -13.52 -16.48 13.98
C GLY E 24 -14.56 -15.75 13.13
N PRO E 25 -14.51 -14.41 13.12
CA PRO E 25 -15.40 -13.51 12.38
C PRO E 25 -15.09 -13.48 10.90
N GLU E 26 -16.08 -13.14 10.09
CA GLU E 26 -15.85 -13.05 8.65
C GLU E 26 -14.98 -11.82 8.36
N ALA E 27 -14.31 -11.81 7.22
CA ALA E 27 -13.45 -10.68 6.87
C ALA E 27 -14.28 -9.42 6.68
N VAL E 28 -13.68 -8.27 6.97
CA VAL E 28 -14.34 -6.97 6.87
C VAL E 28 -13.65 -6.07 5.86
N LYS E 29 -14.41 -5.48 4.96
CA LYS E 29 -13.84 -4.60 3.94
C LYS E 29 -13.04 -3.42 4.49
N GLY E 30 -11.84 -3.21 3.96
CA GLY E 30 -11.00 -2.11 4.41
C GLY E 30 -10.06 -2.42 5.56
N GLN E 31 -10.29 -3.55 6.22
CA GLN E 31 -9.50 -4.00 7.35
C GLN E 31 -8.10 -4.46 6.95
N LEU E 32 -7.13 -4.25 7.84
CA LEU E 32 -5.76 -4.68 7.59
C LEU E 32 -5.70 -6.11 8.16
N ILE E 33 -5.36 -7.06 7.31
CA ILE E 33 -5.32 -8.47 7.70
C ILE E 33 -4.00 -9.11 7.35
N LYS E 34 -3.83 -10.35 7.83
CA LYS E 34 -2.64 -11.15 7.56
C LYS E 34 -3.06 -12.48 6.96
N ALA E 35 -2.29 -12.98 6.01
CA ALA E 35 -2.58 -14.25 5.41
C ALA E 35 -1.33 -14.89 4.84
N HIS E 36 -1.23 -16.20 5.00
CA HIS E 36 -0.13 -16.95 4.42
C HIS E 36 -0.76 -17.54 3.17
N TYR E 37 0.04 -17.86 2.17
CA TYR E 37 -0.51 -18.41 0.95
C TYR E 37 0.55 -19.07 0.07
N VAL E 38 0.07 -19.89 -0.85
CA VAL E 38 0.91 -20.55 -1.84
C VAL E 38 0.14 -20.41 -3.14
N GLY E 39 0.82 -19.91 -4.17
CA GLY E 39 0.19 -19.72 -5.47
C GLY E 39 0.83 -20.62 -6.51
N LYS E 40 0.03 -21.38 -7.24
CA LYS E 40 0.59 -22.29 -8.26
C LYS E 40 -0.18 -22.26 -9.57
N LEU E 41 0.47 -22.73 -10.63
CA LEU E 41 -0.17 -22.79 -11.94
C LEU E 41 -0.81 -24.16 -12.01
N GLU E 42 -1.68 -24.37 -12.99
CA GLU E 42 -2.37 -25.64 -13.14
C GLU E 42 -1.43 -26.81 -13.47
N ASN E 43 -0.17 -26.52 -13.79
CA ASN E 43 0.77 -27.60 -14.08
C ASN E 43 1.47 -27.99 -12.77
N GLY E 44 1.08 -27.32 -11.69
CA GLY E 44 1.65 -27.61 -10.38
C GLY E 44 2.81 -26.71 -9.99
N LYS E 45 3.26 -25.86 -10.91
CA LYS E 45 4.39 -24.98 -10.62
C LYS E 45 4.04 -23.88 -9.62
N VAL E 46 4.78 -23.80 -8.53
CA VAL E 46 4.55 -22.77 -7.52
C VAL E 46 5.22 -21.49 -8.05
N PHE E 47 4.48 -20.40 -8.14
CA PHE E 47 5.05 -19.15 -8.64
C PHE E 47 5.27 -18.11 -7.57
N ASP E 48 4.64 -18.31 -6.41
CA ASP E 48 4.80 -17.37 -5.31
C ASP E 48 4.22 -17.92 -4.02
N SER E 49 4.69 -17.39 -2.90
CA SER E 49 4.20 -17.82 -1.62
C SER E 49 4.66 -16.86 -0.54
N SER E 50 4.09 -17.02 0.66
CA SER E 50 4.43 -16.16 1.78
C SER E 50 5.50 -16.83 2.64
N TYR E 51 5.41 -18.15 2.75
CA TYR E 51 6.34 -18.91 3.57
C TYR E 51 7.78 -18.69 3.20
N ASN E 52 8.06 -18.57 1.90
CA ASN E 52 9.41 -18.36 1.43
C ASN E 52 9.94 -17.05 2.01
N ARG E 53 9.26 -15.94 1.69
CA ARG E 53 9.68 -14.63 2.20
C ARG E 53 9.86 -14.67 3.70
N GLY E 54 9.33 -15.71 4.34
CA GLY E 54 9.47 -15.83 5.77
C GLY E 54 8.52 -15.02 6.63
N LYS E 55 7.41 -14.56 6.04
CA LYS E 55 6.44 -13.79 6.78
C LYS E 55 5.10 -13.74 6.05
N PRO E 56 4.00 -13.58 6.81
CA PRO E 56 2.69 -13.52 6.16
C PRO E 56 2.55 -12.22 5.36
N LEU E 57 1.56 -12.18 4.48
CA LEU E 57 1.30 -10.98 3.71
C LEU E 57 0.37 -10.13 4.55
N THR E 58 0.74 -8.87 4.79
CA THR E 58 -0.14 -7.98 5.56
C THR E 58 -0.66 -6.96 4.54
N PHE E 59 -1.97 -6.91 4.40
CA PHE E 59 -2.57 -6.01 3.41
C PHE E 59 -4.01 -5.67 3.76
N ARG E 60 -4.57 -4.68 3.08
CA ARG E 60 -5.95 -4.30 3.32
C ARG E 60 -6.83 -5.08 2.35
N ILE E 61 -7.88 -5.71 2.86
CA ILE E 61 -8.75 -6.55 2.05
C ILE E 61 -9.94 -5.83 1.41
N GLY E 62 -10.28 -6.25 0.20
CA GLY E 62 -11.41 -5.67 -0.52
C GLY E 62 -11.20 -4.28 -1.10
N VAL E 63 -9.95 -3.86 -1.25
CA VAL E 63 -9.71 -2.52 -1.78
C VAL E 63 -8.81 -2.51 -3.01
N GLY E 64 -8.65 -3.67 -3.64
CA GLY E 64 -7.83 -3.73 -4.84
C GLY E 64 -6.32 -3.70 -4.62
N GLU E 65 -5.89 -4.04 -3.41
CA GLU E 65 -4.46 -4.07 -3.11
C GLU E 65 -3.86 -5.36 -3.68
N VAL E 66 -4.73 -6.31 -4.02
CA VAL E 66 -4.33 -7.60 -4.57
C VAL E 66 -5.23 -7.87 -5.77
N ILE E 67 -4.99 -8.96 -6.49
CA ILE E 67 -5.84 -9.27 -7.65
C ILE E 67 -7.30 -9.39 -7.23
N LYS E 68 -8.21 -9.12 -8.15
CA LYS E 68 -9.62 -9.17 -7.85
C LYS E 68 -10.07 -10.52 -7.28
N GLY E 69 -9.52 -11.60 -7.81
CA GLY E 69 -9.87 -12.94 -7.34
C GLY E 69 -9.62 -13.12 -5.86
N TRP E 70 -8.59 -12.44 -5.34
CA TRP E 70 -8.28 -12.52 -3.92
C TRP E 70 -9.31 -11.74 -3.12
N ASP E 71 -9.60 -10.50 -3.56
CA ASP E 71 -10.58 -9.71 -2.83
C ASP E 71 -11.93 -10.43 -2.77
N GLN E 72 -12.39 -10.95 -3.90
CA GLN E 72 -13.67 -11.65 -3.93
C GLN E 72 -13.59 -13.01 -3.21
N GLY E 73 -12.48 -13.71 -3.40
CA GLY E 73 -12.30 -15.01 -2.79
C GLY E 73 -12.12 -15.02 -1.28
N ILE E 74 -11.76 -13.87 -0.71
CA ILE E 74 -11.56 -13.77 0.72
C ILE E 74 -12.70 -13.00 1.39
N LEU E 75 -13.07 -11.88 0.80
CA LEU E 75 -14.13 -11.05 1.34
C LEU E 75 -15.50 -11.58 0.98
N GLY E 76 -15.58 -12.25 -0.17
CA GLY E 76 -16.85 -12.79 -0.63
C GLY E 76 -17.43 -11.88 -1.69
N SER E 77 -18.38 -12.42 -2.44
CA SER E 77 -19.06 -11.67 -3.49
C SER E 77 -20.22 -12.56 -3.91
N ASP E 78 -20.90 -12.23 -5.00
CA ASP E 78 -22.01 -13.07 -5.45
C ASP E 78 -21.52 -14.51 -5.62
N GLY E 79 -22.16 -15.45 -4.93
CA GLY E 79 -21.77 -16.84 -5.06
C GLY E 79 -20.57 -17.25 -4.22
N ILE E 80 -19.98 -16.31 -3.51
CA ILE E 80 -18.82 -16.65 -2.69
C ILE E 80 -18.94 -16.14 -1.28
N PRO E 81 -19.04 -17.05 -0.31
CA PRO E 81 -19.16 -16.65 1.09
C PRO E 81 -17.81 -16.13 1.53
N PRO E 82 -17.79 -15.21 2.49
CA PRO E 82 -16.51 -14.70 2.95
C PRO E 82 -15.78 -15.76 3.74
N MET E 83 -14.46 -15.61 3.86
CA MET E 83 -13.69 -16.52 4.67
C MET E 83 -13.81 -15.97 6.07
N LEU E 84 -13.62 -16.85 7.05
CA LEU E 84 -13.68 -16.46 8.45
C LEU E 84 -12.26 -16.59 9.01
N THR E 85 -11.96 -15.82 10.05
CA THR E 85 -10.67 -15.85 10.70
C THR E 85 -10.27 -17.28 11.06
N GLY E 86 -9.07 -17.69 10.64
CA GLY E 86 -8.58 -19.02 10.93
C GLY E 86 -8.89 -20.03 9.84
N GLY E 87 -9.55 -19.57 8.78
CA GLY E 87 -9.92 -20.50 7.72
C GLY E 87 -8.85 -20.76 6.67
N LYS E 88 -8.99 -21.91 6.02
CA LYS E 88 -8.09 -22.29 4.94
C LYS E 88 -8.98 -22.51 3.72
N ARG E 89 -8.70 -21.77 2.65
CA ARG E 89 -9.49 -21.87 1.43
C ARG E 89 -8.64 -21.96 0.17
N THR E 90 -9.08 -22.78 -0.77
CA THR E 90 -8.37 -22.93 -2.02
C THR E 90 -9.19 -22.17 -3.05
N LEU E 91 -8.51 -21.37 -3.86
CA LEU E 91 -9.15 -20.57 -4.90
C LEU E 91 -8.62 -20.94 -6.27
N ARG E 92 -9.54 -20.99 -7.25
CA ARG E 92 -9.20 -21.24 -8.65
C ARG E 92 -9.65 -19.94 -9.29
N ILE E 93 -8.68 -19.16 -9.76
CA ILE E 93 -8.97 -17.84 -10.32
C ILE E 93 -8.76 -17.71 -11.82
N PRO E 94 -9.83 -17.34 -12.57
CA PRO E 94 -9.69 -17.17 -14.01
C PRO E 94 -8.82 -15.94 -14.28
N PRO E 95 -8.13 -15.90 -15.44
CA PRO E 95 -7.26 -14.78 -15.83
C PRO E 95 -7.91 -13.41 -15.67
N GLU E 96 -9.19 -13.32 -16.03
CA GLU E 96 -9.94 -12.08 -15.93
C GLU E 96 -9.94 -11.48 -14.54
N LEU E 97 -9.78 -12.33 -13.52
CA LEU E 97 -9.78 -11.88 -12.14
C LEU E 97 -8.37 -11.95 -11.55
N ALA E 98 -7.38 -12.12 -12.43
CA ALA E 98 -5.97 -12.22 -12.02
C ALA E 98 -5.10 -11.29 -12.83
N TYR E 99 -4.23 -11.86 -13.67
CA TYR E 99 -3.32 -11.04 -14.49
C TYR E 99 -3.69 -10.87 -15.96
N GLY E 100 -4.86 -11.35 -16.35
CA GLY E 100 -5.30 -11.18 -17.72
C GLY E 100 -4.52 -11.89 -18.82
N ASP E 101 -4.73 -11.45 -20.06
CA ASP E 101 -4.07 -12.07 -21.20
C ASP E 101 -2.61 -11.67 -21.34
N ARG E 102 -2.09 -10.95 -20.36
CA ARG E 102 -0.70 -10.54 -20.37
C ARG E 102 0.06 -11.21 -19.24
N GLY E 103 1.26 -11.69 -19.56
CA GLY E 103 2.07 -12.36 -18.57
C GLY E 103 2.27 -11.59 -17.29
N ALA E 104 2.94 -12.21 -16.33
CA ALA E 104 3.22 -11.61 -15.04
C ALA E 104 4.62 -12.06 -14.63
N GLY E 105 5.41 -11.14 -14.10
CA GLY E 105 6.76 -11.49 -13.68
C GLY E 105 7.56 -11.90 -14.91
N CYS E 106 7.55 -11.02 -15.91
CA CYS E 106 8.26 -11.28 -17.16
C CYS E 106 9.72 -10.84 -17.12
N LYS E 107 10.47 -11.21 -18.16
CA LYS E 107 11.88 -10.87 -18.29
C LYS E 107 12.31 -10.95 -19.76
N GLY E 108 11.67 -10.14 -20.60
CA GLY E 108 12.02 -10.13 -22.02
C GLY E 108 11.33 -11.23 -22.80
N GLY E 109 10.23 -11.73 -22.26
CA GLY E 109 9.49 -12.79 -22.92
C GLY E 109 9.33 -13.99 -22.00
N SER E 110 10.18 -14.04 -20.98
CA SER E 110 10.14 -15.13 -20.01
C SER E 110 9.32 -14.70 -18.80
N CYS E 111 8.07 -15.14 -18.76
CA CYS E 111 7.16 -14.79 -17.67
C CYS E 111 7.05 -15.90 -16.63
N LEU E 112 6.87 -15.50 -15.37
CA LEU E 112 6.71 -16.48 -14.30
C LEU E 112 5.27 -17.01 -14.42
N ILE E 113 4.38 -16.13 -14.85
CA ILE E 113 2.97 -16.47 -15.06
C ILE E 113 2.64 -16.11 -16.50
N PRO E 114 2.43 -17.13 -17.35
CA PRO E 114 2.11 -16.91 -18.77
C PRO E 114 0.81 -16.17 -18.98
N PRO E 115 0.62 -15.63 -20.19
CA PRO E 115 -0.63 -14.91 -20.49
C PRO E 115 -1.83 -15.81 -20.27
N ALA E 116 -2.96 -15.20 -19.92
CA ALA E 116 -4.22 -15.90 -19.72
C ALA E 116 -4.17 -17.12 -18.81
N SER E 117 -3.42 -17.04 -17.72
CA SER E 117 -3.29 -18.18 -16.81
C SER E 117 -4.32 -18.25 -15.68
N VAL E 118 -4.81 -19.46 -15.42
CA VAL E 118 -5.73 -19.67 -14.30
C VAL E 118 -4.79 -19.88 -13.10
N LEU E 119 -5.04 -19.22 -11.98
CA LEU E 119 -4.19 -19.34 -10.81
C LEU E 119 -4.88 -20.09 -9.68
N LEU E 120 -4.16 -20.98 -9.04
CA LEU E 120 -4.66 -21.75 -7.91
C LEU E 120 -3.94 -21.25 -6.66
N PHE E 121 -4.69 -20.83 -5.65
CA PHE E 121 -4.09 -20.36 -4.42
C PHE E 121 -4.62 -21.12 -3.23
N ASP E 122 -3.74 -21.36 -2.27
CA ASP E 122 -4.11 -21.98 -1.02
C ASP E 122 -3.94 -20.79 -0.09
N ILE E 123 -5.04 -20.34 0.50
CA ILE E 123 -4.99 -19.18 1.37
C ILE E 123 -5.35 -19.46 2.81
N GLU E 124 -4.48 -19.05 3.74
CA GLU E 124 -4.79 -19.21 5.16
C GLU E 124 -4.97 -17.82 5.75
N TYR E 125 -6.23 -17.53 6.09
CA TYR E 125 -6.58 -16.25 6.66
C TYR E 125 -6.29 -16.32 8.15
N ILE E 126 -5.18 -15.69 8.56
CA ILE E 126 -4.77 -15.72 9.97
C ILE E 126 -5.71 -14.84 10.79
N GLY E 127 -6.02 -13.68 10.26
CA GLY E 127 -6.90 -12.78 10.97
C GLY E 127 -6.55 -11.31 10.83
N LYS E 128 -7.18 -10.55 11.70
CA LYS E 128 -7.06 -9.10 11.78
C LYS E 128 -5.64 -8.72 12.17
N ALA E 129 -5.14 -7.67 11.54
CA ALA E 129 -3.82 -7.11 11.76
C ALA E 129 -3.06 -7.12 10.47
#